data_3U2B
#
_entry.id   3U2B
#
_cell.length_a   69.941
_cell.length_b   69.941
_cell.length_c   63.205
_cell.angle_alpha   90.00
_cell.angle_beta   90.00
_cell.angle_gamma   120.00
#
_symmetry.space_group_name_H-M   'P 32 2 1'
#
loop_
_entity.id
_entity.type
_entity.pdbx_description
1 polymer "DNA (5'-D(*GP*TP*CP*TP*CP*TP*AP*TP*TP*GP*TP*CP*CP*TP*GP*G)-3')"
2 polymer "DNA (5'-D(*CP*CP*AP*GP*GP*AP*CP*AP*AP*TP*AP*GP*AP*GP*AP*C)-3')"
3 polymer 'Transcription factor SOX-4'
4 water water
#
loop_
_entity_poly.entity_id
_entity_poly.type
_entity_poly.pdbx_seq_one_letter_code
_entity_poly.pdbx_strand_id
1 'polydeoxyribonucleotide' (DG)(DT)(DC)(DT)(DC)(DT)(DA)(DT)(DT)(DG)(DT)(DC)(DC)(DT)(DG)(DG) A
2 'polydeoxyribonucleotide' (DC)(DC)(DA)(DG)(DG)(DA)(DC)(DA)(DA)(DT)(DA)(DG)(DA)(DG)(DA)(DC) B
3 'polypeptide(L)' GHIKRPMNAFMVWSQIERRKIMEQSPDMHNAEISKRLGKRWKLLKDSDKIPFIQEAERLRLKHMADYPDYKYRPRKKVK C
#
# COMPACT_ATOMS: atom_id res chain seq x y z
N GLY C 1 14.00 12.27 13.54
CA GLY C 1 14.01 10.87 13.14
C GLY C 1 13.70 10.70 11.65
N HIS C 2 12.93 9.66 11.32
CA HIS C 2 12.64 9.35 9.93
C HIS C 2 11.14 9.18 9.68
N ILE C 3 10.58 10.08 8.88
CA ILE C 3 9.16 10.03 8.53
C ILE C 3 8.93 9.14 7.32
N LYS C 4 7.97 8.22 7.42
CA LYS C 4 7.65 7.33 6.32
C LYS C 4 6.84 8.06 5.26
N ARG C 5 6.82 7.51 4.05
CA ARG C 5 6.03 8.08 2.95
C ARG C 5 4.67 7.40 2.89
N PRO C 6 3.66 8.13 2.39
CA PRO C 6 2.26 7.66 2.34
C PRO C 6 2.09 6.37 1.56
N MET C 7 1.05 5.62 1.89
CA MET C 7 0.70 4.40 1.16
C MET C 7 -0.12 4.72 -0.08
N ASN C 8 0.36 4.28 -1.24
CA ASN C 8 -0.38 4.43 -2.48
C ASN C 8 -1.52 3.43 -2.57
N ALA C 9 -2.40 3.61 -3.54
CA ALA C 9 -3.60 2.79 -3.68
C ALA C 9 -3.30 1.29 -3.60
N PHE C 10 -2.19 0.88 -4.21
CA PHE C 10 -1.80 -0.52 -4.23
C PHE C 10 -1.36 -0.99 -2.86
N MET C 11 -0.54 -0.19 -2.20
CA MET C 11 -0.06 -0.52 -0.87
C MET C 11 -1.20 -0.66 0.13
N VAL C 12 -2.25 0.15 -0.06
CA VAL C 12 -3.42 0.11 0.82
C VAL C 12 -4.18 -1.20 0.61
N TRP C 13 -4.43 -1.54 -0.65
CA TRP C 13 -5.07 -2.80 -1.01
C TRP C 13 -4.18 -3.98 -0.65
N SER C 14 -2.89 -3.70 -0.46
CA SER C 14 -1.91 -4.74 -0.15
C SER C 14 -2.07 -5.25 1.28
N GLN C 15 -2.09 -4.33 2.23
CA GLN C 15 -2.24 -4.70 3.62
C GLN C 15 -3.38 -5.69 3.82
N ILE C 16 -4.58 -5.27 3.42
CA ILE C 16 -5.77 -6.09 3.57
C ILE C 16 -5.58 -7.49 3.00
N GLU C 17 -5.20 -7.56 1.73
CA GLU C 17 -5.01 -8.84 1.06
C GLU C 17 -3.92 -9.67 1.72
N ARG C 18 -2.81 -9.03 2.04
CA ARG C 18 -1.66 -9.74 2.63
C ARG C 18 -2.05 -10.46 3.92
N ARG C 19 -2.87 -9.81 4.74
CA ARG C 19 -3.38 -10.43 5.96
C ARG C 19 -4.13 -11.72 5.64
N LYS C 20 -5.09 -11.62 4.72
CA LYS C 20 -5.88 -12.77 4.32
C LYS C 20 -5.01 -13.89 3.77
N ILE C 21 -3.79 -13.55 3.38
CA ILE C 21 -2.82 -14.57 2.96
C ILE C 21 -2.01 -15.05 4.16
N MET C 22 -1.54 -14.10 4.96
CA MET C 22 -0.72 -14.43 6.13
C MET C 22 -1.48 -15.28 7.13
N GLU C 23 -2.81 -15.19 7.10
CA GLU C 23 -3.66 -15.96 7.99
C GLU C 23 -3.98 -17.33 7.40
N GLN C 24 -3.86 -17.44 6.07
CA GLN C 24 -4.12 -18.69 5.38
C GLN C 24 -2.83 -19.47 5.14
N SER C 25 -1.78 -18.74 4.79
CA SER C 25 -0.46 -19.34 4.58
C SER C 25 0.55 -18.62 5.47
N PRO C 26 0.59 -19.00 6.75
CA PRO C 26 1.40 -18.33 7.78
C PRO C 26 2.91 -18.37 7.52
N ASP C 27 3.36 -19.33 6.73
CA ASP C 27 4.80 -19.48 6.51
C ASP C 27 5.25 -19.22 5.07
N MET C 28 4.33 -18.76 4.23
CA MET C 28 4.67 -18.30 2.90
C MET C 28 5.46 -17.00 3.02
N HIS C 29 6.64 -16.95 2.39
CA HIS C 29 7.50 -15.78 2.52
C HIS C 29 6.86 -14.55 1.89
N ASN C 30 7.13 -13.39 2.47
CA ASN C 30 6.50 -12.14 2.03
C ASN C 30 6.90 -11.73 0.61
N ALA C 31 8.09 -12.14 0.20
CA ALA C 31 8.57 -11.85 -1.15
C ALA C 31 7.68 -12.51 -2.20
N GLU C 32 7.28 -13.74 -1.92
CA GLU C 32 6.38 -14.48 -2.80
C GLU C 32 4.97 -13.91 -2.71
N ILE C 33 4.61 -13.39 -1.54
CA ILE C 33 3.31 -12.77 -1.36
C ILE C 33 3.21 -11.53 -2.23
N SER C 34 4.29 -10.75 -2.25
CA SER C 34 4.38 -9.59 -3.12
C SER C 34 4.18 -9.97 -4.58
N LYS C 35 4.83 -11.05 -5.01
CA LYS C 35 4.67 -11.55 -6.37
C LYS C 35 3.20 -11.79 -6.70
N ARG C 36 2.52 -12.50 -5.82
CA ARG C 36 1.11 -12.84 -6.05
C ARG C 36 0.20 -11.61 -5.95
N LEU C 37 0.53 -10.70 -5.04
CA LEU C 37 -0.22 -9.46 -4.90
C LEU C 37 -0.21 -8.69 -6.21
N GLY C 38 0.99 -8.45 -6.73
CA GLY C 38 1.17 -7.75 -7.99
C GLY C 38 0.34 -8.35 -9.11
N LYS C 39 0.14 -9.66 -9.07
CA LYS C 39 -0.64 -10.34 -10.10
C LYS C 39 -2.15 -10.19 -9.88
N ARG C 40 -2.59 -10.36 -8.64
CA ARG C 40 -4.01 -10.18 -8.29
C ARG C 40 -4.42 -8.74 -8.57
N TRP C 41 -3.49 -7.82 -8.38
CA TRP C 41 -3.76 -6.40 -8.63
C TRP C 41 -4.17 -6.19 -10.08
N LYS C 42 -3.48 -6.89 -10.99
CA LYS C 42 -3.77 -6.77 -12.42
C LYS C 42 -5.09 -7.46 -12.79
N LEU C 43 -5.61 -8.26 -11.86
CA LEU C 43 -6.88 -8.93 -12.06
C LEU C 43 -8.05 -8.04 -11.68
N LEU C 44 -7.91 -7.36 -10.55
CA LEU C 44 -8.95 -6.45 -10.07
C LEU C 44 -9.26 -5.40 -11.13
N LYS C 45 -10.48 -5.40 -11.63
CA LYS C 45 -10.88 -4.44 -12.66
C LYS C 45 -10.63 -3.02 -12.19
N ASP C 46 -10.39 -2.13 -13.14
CA ASP C 46 -10.09 -0.73 -12.85
C ASP C 46 -11.14 -0.09 -11.94
N SER C 47 -12.41 -0.30 -12.24
CA SER C 47 -13.49 0.29 -11.46
C SER C 47 -13.35 -0.04 -9.97
N ASP C 48 -13.05 -1.30 -9.68
CA ASP C 48 -12.92 -1.75 -8.30
C ASP C 48 -11.79 -1.04 -7.56
N LYS C 49 -10.81 -0.56 -8.33
CA LYS C 49 -9.63 0.07 -7.77
C LYS C 49 -9.87 1.49 -7.26
N ILE C 50 -10.95 2.11 -7.73
CA ILE C 50 -11.27 3.47 -7.33
C ILE C 50 -11.29 3.68 -5.82
N PRO C 51 -12.09 2.87 -5.09
CA PRO C 51 -12.18 3.03 -3.64
C PRO C 51 -10.81 3.20 -2.97
N PHE C 52 -9.80 2.49 -3.45
CA PHE C 52 -8.47 2.54 -2.84
C PHE C 52 -7.69 3.76 -3.28
N ILE C 53 -7.95 4.24 -4.50
CA ILE C 53 -7.33 5.46 -4.99
C ILE C 53 -7.82 6.65 -4.17
N GLN C 54 -9.11 6.61 -3.82
CA GLN C 54 -9.71 7.64 -2.98
C GLN C 54 -9.19 7.49 -1.56
N GLU C 55 -9.21 6.25 -1.07
CA GLU C 55 -8.66 5.93 0.24
C GLU C 55 -7.22 6.43 0.36
N ALA C 56 -6.40 6.06 -0.62
CA ALA C 56 -5.00 6.48 -0.63
C ALA C 56 -4.84 7.98 -0.71
N GLU C 57 -5.86 8.65 -1.25
CA GLU C 57 -5.82 10.10 -1.44
C GLU C 57 -5.88 10.83 -0.09
N ARG C 58 -6.92 10.54 0.69
CA ARG C 58 -7.04 11.11 2.02
C ARG C 58 -5.79 10.80 2.85
N LEU C 59 -5.23 9.62 2.64
CA LEU C 59 -4.03 9.21 3.35
C LEU C 59 -2.88 10.19 3.12
N ARG C 60 -2.83 10.75 1.91
CA ARG C 60 -1.78 11.70 1.56
C ARG C 60 -2.07 13.10 2.12
N LEU C 61 -3.31 13.54 1.98
CA LEU C 61 -3.73 14.83 2.51
C LEU C 61 -3.47 14.92 4.02
N LYS C 62 -3.88 13.89 4.75
CA LYS C 62 -3.61 13.81 6.18
C LYS C 62 -2.11 13.88 6.43
N HIS C 63 -1.35 13.24 5.55
CA HIS C 63 0.10 13.15 5.72
C HIS C 63 0.75 14.53 5.77
N MET C 64 0.40 15.40 4.82
CA MET C 64 0.93 16.76 4.82
C MET C 64 0.51 17.51 6.07
N ALA C 65 -0.80 17.48 6.35
CA ALA C 65 -1.34 18.16 7.52
C ALA C 65 -0.57 17.83 8.79
N ASP C 66 -0.23 16.55 8.96
CA ASP C 66 0.44 16.08 10.17
C ASP C 66 1.93 16.41 10.15
N TYR C 67 2.50 16.43 8.95
CA TYR C 67 3.92 16.71 8.78
C TYR C 67 4.10 17.91 7.86
N PRO C 68 3.97 19.12 8.43
CA PRO C 68 3.96 20.40 7.70
C PRO C 68 4.95 20.44 6.55
N ASP C 69 6.19 20.06 6.78
CA ASP C 69 7.21 20.06 5.74
C ASP C 69 8.20 18.92 5.86
N TYR C 70 8.00 17.89 5.04
CA TYR C 70 8.97 16.80 4.96
C TYR C 70 9.30 16.49 3.51
N LYS C 71 10.55 16.74 3.14
CA LYS C 71 11.00 16.44 1.79
C LYS C 71 11.36 14.97 1.63
N TYR C 72 10.73 14.32 0.66
CA TYR C 72 11.03 12.93 0.35
C TYR C 72 12.42 12.82 -0.27
N ARG C 73 13.44 12.82 0.58
CA ARG C 73 14.83 12.73 0.10
C ARG C 73 15.50 11.42 0.48
N PRO C 74 15.38 10.40 -0.39
CA PRO C 74 16.03 9.10 -0.28
C PRO C 74 17.26 9.11 -1.16
N ARG C 75 18.34 8.45 -0.75
CA ARG C 75 19.54 8.47 -1.57
C ARG C 75 20.51 7.32 -1.27
N LYS C 76 21.35 7.03 -2.26
CA LYS C 76 22.31 5.94 -2.17
C LYS C 76 23.74 6.46 -2.36
#